data_5ME5
#
_entry.id   5ME5
#
_cell.length_a   38.094
_cell.length_b   70.352
_cell.length_c   42.798
_cell.angle_alpha   90.00
_cell.angle_beta   93.62
_cell.angle_gamma   90.00
#
_symmetry.space_group_name_H-M   'P 1 21 1'
#
loop_
_entity.id
_entity.type
_entity.pdbx_description
1 polymer 'Eukaryotic transcription initiation factor 4E'
2 polymer eIF4G
3 non-polymer 'SULFATE ION'
4 water water
#
loop_
_entity_poly.entity_id
_entity_poly.type
_entity_poly.pdbx_seq_one_letter_code
_entity_poly.pdbx_strand_id
1 'polypeptide(L)'
;SNAVVEDSMKATSAEDLSNSIANQNPRGRGGDEDEELEEGEIVGDDDLDSSNLSASLVHQPHPLEHSWTFWFDNPSAKSK
QATWGASIRPIYTFSTVEEFWSVYNNIHHPSKLAMRADLYCFKHKIEPKWEDPVCANGGKWTVNFPRGKSDNGWLYTLLA
MIGEQFDCGDEICGAVVNVRSGQDKISIWTKNASNEAAQASIGKQWKEFLDYNESIGFIFHDDAKKFDRHAKNKYMV
;
A
2 'polypeptide(L)'
;NEAIKEDAGALSKAEPDDWEDAADIATPDLESANGDGVGTSMLDSGDRTGDMAKKYSRDFLLKFAEQFLDLPHNFEVTSD
IESLMSTHTN
;
B
#
loop_
_chem_comp.id
_chem_comp.type
_chem_comp.name
_chem_comp.formula
SO4 non-polymer 'SULFATE ION' 'O4 S -2'
#
# COMPACT_ATOMS: atom_id res chain seq x y z
N GLN A 60 -4.46 -2.24 -24.84
CA GLN A 60 -3.54 -3.17 -24.20
C GLN A 60 -3.16 -2.70 -22.80
N PRO A 61 -3.62 -3.43 -21.78
CA PRO A 61 -3.29 -3.05 -20.40
C PRO A 61 -1.82 -3.23 -20.11
N HIS A 62 -1.37 -2.60 -19.03
CA HIS A 62 0.03 -2.69 -18.65
C HIS A 62 0.14 -3.60 -17.43
N PRO A 63 0.62 -4.83 -17.59
CA PRO A 63 0.58 -5.78 -16.48
C PRO A 63 1.62 -5.41 -15.43
N LEU A 64 1.27 -5.63 -14.17
CA LEU A 64 2.24 -5.48 -13.11
C LEU A 64 3.02 -6.78 -12.94
N GLU A 65 4.21 -6.67 -12.37
CA GLU A 65 5.03 -7.87 -12.16
C GLU A 65 4.34 -8.82 -11.20
N HIS A 66 3.70 -8.31 -10.17
CA HIS A 66 2.88 -9.12 -9.29
C HIS A 66 1.45 -8.61 -9.31
N SER A 67 0.51 -9.50 -8.97
CA SER A 67 -0.80 -9.06 -8.56
C SER A 67 -0.74 -8.61 -7.11
N TRP A 68 -1.60 -7.67 -6.77
CA TRP A 68 -1.65 -7.05 -5.46
C TRP A 68 -3.10 -7.03 -4.97
N THR A 69 -3.27 -7.22 -3.66
CA THR A 69 -4.59 -7.27 -3.04
C THR A 69 -4.73 -6.15 -2.02
N PHE A 70 -5.76 -5.32 -2.15
CA PHE A 70 -6.10 -4.41 -1.07
C PHE A 70 -6.82 -5.17 0.03
N TRP A 71 -6.49 -4.87 1.29
CA TRP A 71 -7.22 -5.38 2.44
C TRP A 71 -7.61 -4.21 3.34
N PHE A 72 -8.69 -4.38 4.09
CA PHE A 72 -9.23 -3.28 4.89
C PHE A 72 -9.65 -3.80 6.25
N ASP A 73 -9.31 -3.06 7.29
CA ASP A 73 -9.72 -3.37 8.66
C ASP A 73 -10.62 -2.24 9.14
N ASN A 74 -11.92 -2.47 9.09
CA ASN A 74 -12.91 -1.44 9.39
C ASN A 74 -13.01 -1.23 10.90
N PRO A 75 -12.84 0.00 11.40
CA PRO A 75 -12.89 0.19 12.85
C PRO A 75 -14.30 0.10 13.41
N SER A 76 -15.31 0.60 12.69
CA SER A 76 -16.69 0.59 13.17
C SER A 76 -17.31 -0.81 13.12
N SER A 87 -11.56 -9.71 10.91
CA SER A 87 -11.37 -8.26 10.94
C SER A 87 -10.78 -7.72 9.64
N ILE A 88 -9.64 -8.27 9.21
CA ILE A 88 -8.94 -7.79 8.02
C ILE A 88 -9.49 -8.52 6.80
N ARG A 89 -10.22 -7.79 5.94
CA ARG A 89 -10.95 -8.36 4.82
C ARG A 89 -10.28 -8.03 3.50
N PRO A 90 -10.17 -8.99 2.58
CA PRO A 90 -9.65 -8.67 1.26
C PRO A 90 -10.71 -7.96 0.43
N ILE A 91 -10.28 -6.94 -0.30
CA ILE A 91 -11.16 -6.05 -1.04
C ILE A 91 -11.17 -6.37 -2.52
N TYR A 92 -9.98 -6.45 -3.11
CA TYR A 92 -9.84 -6.56 -4.56
C TYR A 92 -8.40 -6.92 -4.86
N THR A 93 -8.20 -7.79 -5.85
CA THR A 93 -6.88 -8.12 -6.33
C THR A 93 -6.72 -7.53 -7.74
N PHE A 94 -5.72 -6.67 -7.92
CA PHE A 94 -5.50 -6.04 -9.21
C PHE A 94 -4.18 -6.50 -9.79
N SER A 95 -4.08 -6.49 -11.12
CA SER A 95 -2.91 -7.04 -11.78
C SER A 95 -2.39 -6.14 -12.91
N THR A 96 -2.99 -4.97 -13.11
CA THR A 96 -2.51 -4.05 -14.12
C THR A 96 -2.48 -2.62 -13.57
N VAL A 97 -1.71 -1.77 -14.25
CA VAL A 97 -1.70 -0.34 -13.95
C VAL A 97 -3.09 0.23 -14.07
N GLU A 98 -3.81 -0.13 -15.13
CA GLU A 98 -5.16 0.39 -15.32
C GLU A 98 -6.10 -0.06 -14.21
N GLU A 99 -5.97 -1.32 -13.75
CA GLU A 99 -6.80 -1.77 -12.64
C GLU A 99 -6.43 -1.07 -11.35
N PHE A 100 -5.14 -0.84 -11.12
CA PHE A 100 -4.73 -0.11 -9.92
C PHE A 100 -5.45 1.24 -9.82
N TRP A 101 -5.37 2.05 -10.88
CA TRP A 101 -5.99 3.37 -10.80
C TRP A 101 -7.50 3.27 -10.68
N SER A 102 -8.11 2.28 -11.36
CA SER A 102 -9.56 2.10 -11.29
C SER A 102 -10.03 1.92 -9.85
N VAL A 103 -9.24 1.22 -9.04
CA VAL A 103 -9.60 1.00 -7.65
C VAL A 103 -9.15 2.16 -6.77
N TYR A 104 -7.89 2.58 -6.95
CA TYR A 104 -7.34 3.65 -6.11
C TYR A 104 -8.17 4.93 -6.23
N ASN A 105 -8.64 5.26 -7.42
CA ASN A 105 -9.45 6.48 -7.61
C ASN A 105 -10.85 6.37 -7.04
N ASN A 106 -11.24 5.20 -6.49
CA ASN A 106 -12.57 5.03 -5.95
C ASN A 106 -12.59 4.59 -4.49
N ILE A 107 -11.44 4.56 -3.82
CA ILE A 107 -11.40 4.32 -2.39
C ILE A 107 -10.80 5.56 -1.71
N HIS A 108 -11.17 5.75 -0.45
CA HIS A 108 -10.71 6.90 0.31
C HIS A 108 -9.19 6.95 0.38
N HIS A 109 -8.63 8.14 0.21
CA HIS A 109 -7.25 8.38 0.63
C HIS A 109 -7.22 8.37 2.16
N PRO A 110 -6.04 8.11 2.75
CA PRO A 110 -5.95 8.05 4.21
C PRO A 110 -6.52 9.26 4.93
N SER A 111 -6.39 10.46 4.34
CA SER A 111 -6.94 11.66 5.00
C SER A 111 -8.44 11.53 5.28
N LYS A 112 -9.16 10.70 4.53
CA LYS A 112 -10.60 10.55 4.71
C LYS A 112 -11.01 9.18 5.27
N LEU A 113 -10.08 8.37 5.74
CA LEU A 113 -10.43 7.11 6.39
C LEU A 113 -10.79 7.36 7.85
N ALA A 114 -11.64 6.49 8.40
CA ALA A 114 -12.03 6.58 9.80
C ALA A 114 -10.83 6.33 10.71
N MET A 115 -10.87 6.95 11.90
CA MET A 115 -9.86 6.67 12.91
C MET A 115 -9.84 5.18 13.22
N ARG A 116 -8.63 4.65 13.43
CA ARG A 116 -8.34 3.24 13.74
C ARG A 116 -8.51 2.32 12.53
N ALA A 117 -8.79 2.87 11.35
CA ALA A 117 -8.84 2.03 10.14
C ALA A 117 -7.43 1.69 9.67
N ASP A 118 -7.30 0.51 9.07
CA ASP A 118 -6.05 0.06 8.46
C ASP A 118 -6.33 -0.34 7.03
N LEU A 119 -5.55 0.19 6.09
CA LEU A 119 -5.69 -0.15 4.68
C LEU A 119 -4.38 -0.78 4.22
N TYR A 120 -4.48 -1.97 3.66
CA TYR A 120 -3.32 -2.80 3.29
C TYR A 120 -3.26 -2.94 1.78
N CYS A 121 -2.03 -3.04 1.25
CA CYS A 121 -1.83 -3.44 -0.14
C CYS A 121 -0.66 -4.43 -0.18
N PHE A 122 -0.96 -5.73 -0.34
CA PHE A 122 0.05 -6.77 -0.25
C PHE A 122 0.10 -7.57 -1.54
N LYS A 123 1.25 -8.17 -1.80
CA LYS A 123 1.36 -9.06 -2.96
C LYS A 123 0.32 -10.18 -2.87
N HIS A 124 -0.28 -10.50 -4.01
CA HIS A 124 -1.34 -11.49 -4.03
C HIS A 124 -0.84 -12.79 -3.41
N LYS A 125 -1.66 -13.38 -2.55
CA LYS A 125 -1.41 -14.65 -1.84
C LYS A 125 -0.46 -14.48 -0.65
N ILE A 126 -0.12 -13.24 -0.29
CA ILE A 126 0.51 -12.92 0.98
C ILE A 126 -0.56 -12.27 1.85
N GLU A 127 -1.00 -12.97 2.89
CA GLU A 127 -1.95 -12.34 3.78
C GLU A 127 -1.20 -11.51 4.82
N PRO A 128 -1.66 -10.31 5.13
CA PRO A 128 -1.07 -9.56 6.24
C PRO A 128 -1.56 -10.08 7.59
N LYS A 129 -1.32 -11.36 7.86
CA LYS A 129 -1.88 -12.06 9.01
C LYS A 129 -0.89 -13.09 9.52
N TRP A 130 -1.23 -13.71 10.65
CA TRP A 130 -0.45 -14.82 11.20
C TRP A 130 -0.27 -15.96 10.21
N GLU A 131 -1.12 -16.03 9.19
CA GLU A 131 -1.09 -17.16 8.26
C GLU A 131 0.23 -17.22 7.49
N ASP A 132 0.87 -16.08 7.23
CA ASP A 132 2.12 -16.08 6.47
C ASP A 132 3.27 -15.59 7.37
N PRO A 133 3.91 -16.47 8.13
CA PRO A 133 4.93 -16.00 9.08
C PRO A 133 6.16 -15.41 8.40
N VAL A 134 6.46 -15.81 7.16
CA VAL A 134 7.59 -15.23 6.44
C VAL A 134 7.47 -13.71 6.43
N CYS A 135 6.26 -13.18 6.30
CA CYS A 135 6.07 -11.74 6.36
C CYS A 135 5.63 -11.26 7.74
N ALA A 136 4.77 -12.03 8.43
CA ALA A 136 4.23 -11.58 9.70
C ALA A 136 5.31 -11.49 10.77
N ASN A 137 6.31 -12.37 10.71
CA ASN A 137 7.41 -12.36 11.68
C ASN A 137 8.68 -11.75 11.11
N GLY A 138 8.57 -10.91 10.09
CA GLY A 138 9.73 -10.33 9.44
C GLY A 138 10.01 -8.90 9.88
N GLY A 139 10.51 -8.11 8.95
CA GLY A 139 10.84 -6.73 9.25
C GLY A 139 9.70 -5.77 8.93
N LYS A 140 9.72 -4.62 9.59
CA LYS A 140 8.77 -3.55 9.32
C LYS A 140 9.49 -2.22 9.33
N TRP A 141 9.37 -1.48 8.24
CA TRP A 141 9.83 -0.10 8.13
C TRP A 141 8.63 0.80 8.31
N THR A 142 8.72 1.79 9.21
CA THR A 142 7.56 2.62 9.53
C THR A 142 7.91 4.10 9.47
N VAL A 143 6.96 4.89 8.95
CA VAL A 143 7.05 6.35 8.91
C VAL A 143 5.79 6.92 9.54
N ASN A 144 5.94 7.94 10.39
CA ASN A 144 4.83 8.67 10.99
C ASN A 144 4.60 9.96 10.23
N PHE A 145 3.33 10.28 9.97
CA PHE A 145 2.89 11.54 9.39
C PHE A 145 1.92 12.22 10.34
N PRO A 146 1.85 13.55 10.33
CA PRO A 146 0.72 14.22 10.98
C PRO A 146 -0.59 13.68 10.41
N ARG A 147 -1.61 13.62 11.26
CA ARG A 147 -2.90 13.09 10.82
C ARG A 147 -3.41 13.86 9.61
N GLY A 148 -3.83 13.13 8.59
CA GLY A 148 -4.34 13.77 7.38
C GLY A 148 -3.28 14.30 6.45
N LYS A 149 -1.99 14.10 6.74
CA LYS A 149 -0.91 14.58 5.89
C LYS A 149 -0.14 13.44 5.22
N SER A 150 -0.73 12.25 5.16
CA SER A 150 -0.05 11.07 4.65
C SER A 150 -0.48 10.65 3.25
N ASP A 151 -1.34 11.42 2.58
CA ASP A 151 -1.91 10.98 1.31
C ASP A 151 -0.84 10.75 0.25
N ASN A 152 0.06 11.72 0.08
CA ASN A 152 1.09 11.57 -0.95
C ASN A 152 2.09 10.48 -0.57
N GLY A 153 2.46 10.39 0.70
CA GLY A 153 3.34 9.31 1.14
C GLY A 153 2.76 7.94 0.86
N TRP A 154 1.47 7.77 1.14
CA TRP A 154 0.80 6.51 0.82
C TRP A 154 0.82 6.22 -0.69
N LEU A 155 0.44 7.20 -1.52
CA LEU A 155 0.43 6.96 -2.97
C LEU A 155 1.84 6.64 -3.47
N TYR A 156 2.83 7.42 -3.05
CA TYR A 156 4.18 7.17 -3.55
C TYR A 156 4.70 5.82 -3.09
N THR A 157 4.31 5.38 -1.89
CA THR A 157 4.68 4.04 -1.44
C THR A 157 4.07 2.98 -2.34
N LEU A 158 2.78 3.12 -2.68
CA LEU A 158 2.10 2.18 -3.57
C LEU A 158 2.76 2.14 -4.94
N LEU A 159 3.00 3.32 -5.54
CA LEU A 159 3.58 3.35 -6.88
C LEU A 159 4.97 2.73 -6.89
N ALA A 160 5.77 2.98 -5.86
CA ALA A 160 7.11 2.38 -5.79
C ALA A 160 7.02 0.87 -5.69
N MET A 161 6.05 0.36 -4.91
CA MET A 161 5.92 -1.09 -4.76
C MET A 161 5.45 -1.75 -6.06
N ILE A 162 4.31 -1.31 -6.59
CA ILE A 162 3.74 -2.03 -7.73
C ILE A 162 4.57 -1.82 -8.98
N GLY A 163 5.30 -0.70 -9.05
CA GLY A 163 6.22 -0.40 -10.13
C GLY A 163 7.54 -1.13 -10.04
N GLU A 164 7.73 -1.92 -8.99
CA GLU A 164 8.94 -2.72 -8.77
C GLU A 164 10.20 -1.84 -8.78
N GLN A 165 10.13 -0.75 -8.03
CA GLN A 165 11.22 0.22 -8.04
C GLN A 165 12.23 0.00 -6.94
N PHE A 166 11.95 -0.88 -5.98
CA PHE A 166 12.91 -1.17 -4.92
C PHE A 166 13.93 -2.17 -5.43
N ASP A 167 15.23 -1.85 -5.29
CA ASP A 167 16.28 -2.78 -5.68
C ASP A 167 16.10 -4.14 -5.00
N CYS A 168 15.73 -4.15 -3.73
CA CYS A 168 15.47 -5.39 -3.00
C CYS A 168 13.99 -5.66 -2.84
N GLY A 169 13.21 -5.35 -3.88
CA GLY A 169 11.75 -5.50 -3.83
C GLY A 169 11.29 -6.92 -3.63
N ASP A 170 12.14 -7.91 -3.92
CA ASP A 170 11.75 -9.30 -3.66
C ASP A 170 11.53 -9.56 -2.18
N GLU A 171 12.11 -8.74 -1.30
CA GLU A 171 11.85 -8.85 0.13
C GLU A 171 10.62 -8.10 0.60
N ILE A 172 9.96 -7.35 -0.27
CA ILE A 172 8.83 -6.53 0.18
C ILE A 172 7.56 -7.36 0.08
N CYS A 173 6.79 -7.40 1.19
CA CYS A 173 5.51 -8.11 1.21
C CYS A 173 4.33 -7.22 0.86
N GLY A 174 4.29 -6.01 1.40
CA GLY A 174 3.20 -5.09 1.16
C GLY A 174 3.36 -3.90 2.08
N ALA A 175 2.43 -2.97 1.99
CA ALA A 175 2.44 -1.80 2.84
C ALA A 175 1.06 -1.63 3.47
N VAL A 176 1.02 -0.88 4.56
CA VAL A 176 -0.24 -0.61 5.24
C VAL A 176 -0.20 0.82 5.73
N VAL A 177 -1.33 1.50 5.68
CA VAL A 177 -1.48 2.80 6.33
C VAL A 177 -2.44 2.63 7.49
N ASN A 178 -2.03 3.10 8.66
CA ASN A 178 -2.83 3.05 9.88
C ASN A 178 -3.24 4.48 10.20
N VAL A 179 -4.55 4.75 10.16
CA VAL A 179 -5.07 6.05 10.50
C VAL A 179 -5.38 6.04 11.99
N ARG A 180 -4.74 6.93 12.74
CA ARG A 180 -4.91 7.00 14.18
C ARG A 180 -5.20 8.44 14.58
N SER A 181 -5.50 8.63 15.86
CA SER A 181 -5.94 9.94 16.34
C SER A 181 -4.87 11.01 16.12
N GLY A 182 -3.65 10.71 16.56
CA GLY A 182 -2.58 11.71 16.52
C GLY A 182 -1.69 11.69 15.31
N GLN A 183 -1.78 10.64 14.49
CA GLN A 183 -0.83 10.47 13.40
C GLN A 183 -1.38 9.45 12.41
N ASP A 184 -0.89 9.53 11.19
CA ASP A 184 -1.03 8.44 10.23
C ASP A 184 0.31 7.71 10.16
N LYS A 185 0.27 6.38 10.21
CA LYS A 185 1.48 5.58 10.05
C LYS A 185 1.42 4.80 8.75
N ILE A 186 2.53 4.73 8.04
CA ILE A 186 2.69 3.85 6.89
C ILE A 186 3.83 2.90 7.20
N SER A 187 3.60 1.61 6.99
CA SER A 187 4.64 0.62 7.18
C SER A 187 4.83 -0.20 5.92
N ILE A 188 6.07 -0.62 5.66
CA ILE A 188 6.34 -1.65 4.67
C ILE A 188 6.76 -2.90 5.45
N TRP A 189 6.05 -4.01 5.23
CA TRP A 189 6.45 -5.29 5.80
C TRP A 189 7.41 -5.98 4.85
N THR A 190 8.48 -6.56 5.40
CA THR A 190 9.50 -7.20 4.59
C THR A 190 9.82 -8.59 5.13
N LYS A 191 10.35 -9.43 4.25
CA LYS A 191 10.89 -10.73 4.59
C LYS A 191 12.36 -10.58 4.97
N ASN A 192 12.89 -11.62 5.64
CA ASN A 192 14.33 -11.70 5.91
C ASN A 192 14.85 -10.47 6.66
N ALA A 193 14.25 -10.21 7.81
CA ALA A 193 14.65 -9.06 8.60
C ALA A 193 16.13 -9.12 8.98
N SER A 194 16.70 -10.32 9.08
CA SER A 194 18.09 -10.47 9.47
C SER A 194 19.06 -10.21 8.32
N ASN A 195 18.56 -9.95 7.11
CA ASN A 195 19.43 -9.58 6.00
C ASN A 195 19.64 -8.09 6.12
N GLU A 196 20.69 -7.70 6.86
CA GLU A 196 20.96 -6.29 7.16
C GLU A 196 21.07 -5.46 5.90
N ALA A 197 21.73 -6.00 4.86
CA ALA A 197 21.96 -5.23 3.65
C ALA A 197 20.66 -4.99 2.88
N ALA A 198 19.81 -6.03 2.77
CA ALA A 198 18.55 -5.84 2.06
C ALA A 198 17.63 -4.86 2.79
N GLN A 199 17.53 -4.98 4.11
CA GLN A 199 16.68 -4.05 4.86
C GLN A 199 17.18 -2.61 4.76
N ALA A 200 18.50 -2.40 4.87
CA ALA A 200 19.06 -1.06 4.75
C ALA A 200 18.76 -0.47 3.37
N SER A 201 18.91 -1.28 2.32
CA SER A 201 18.62 -0.83 0.96
C SER A 201 17.17 -0.40 0.80
N ILE A 202 16.24 -1.17 1.38
CA ILE A 202 14.82 -0.82 1.30
C ILE A 202 14.55 0.47 2.07
N GLY A 203 15.04 0.56 3.31
CA GLY A 203 14.84 1.77 4.10
C GLY A 203 15.41 3.00 3.42
N LYS A 204 16.63 2.89 2.90
CA LYS A 204 17.25 4.03 2.21
C LYS A 204 16.48 4.43 0.96
N GLN A 205 16.09 3.46 0.13
CA GLN A 205 15.33 3.80 -1.07
C GLN A 205 13.97 4.40 -0.73
N TRP A 206 13.28 3.86 0.27
CA TRP A 206 11.98 4.41 0.65
C TRP A 206 12.09 5.86 1.08
N LYS A 207 13.13 6.19 1.87
CA LYS A 207 13.32 7.58 2.25
C LYS A 207 13.55 8.46 1.04
N GLU A 208 14.17 7.90 -0.02
CA GLU A 208 14.37 8.67 -1.24
C GLU A 208 13.05 8.85 -1.98
N PHE A 209 12.27 7.76 -2.11
CA PHE A 209 10.98 7.86 -2.78
C PHE A 209 10.05 8.84 -2.09
N LEU A 210 10.19 9.00 -0.77
CA LEU A 210 9.37 9.91 0.01
C LEU A 210 10.02 11.25 0.25
N ASP A 211 11.36 11.31 0.23
CA ASP A 211 12.11 12.49 0.66
C ASP A 211 11.62 12.99 2.02
N TYR A 212 11.71 12.10 3.02
CA TYR A 212 11.27 12.45 4.37
C TYR A 212 12.44 12.94 5.21
N ASN A 213 12.18 14.01 5.97
CA ASN A 213 13.23 14.72 6.72
C ASN A 213 13.74 13.91 7.91
N GLU A 214 12.81 13.29 8.65
CA GLU A 214 13.14 12.64 9.92
C GLU A 214 12.77 11.16 9.86
N SER A 215 11.88 10.69 10.73
CA SER A 215 12.00 9.37 11.36
C SER A 215 11.46 8.26 10.49
N ILE A 216 12.37 7.44 9.96
CA ILE A 216 12.03 6.16 9.34
C ILE A 216 12.52 5.08 10.30
N GLY A 217 11.60 4.36 10.93
CA GLY A 217 11.93 3.39 11.98
C GLY A 217 11.82 1.96 11.50
N PHE A 218 12.77 1.12 11.92
CA PHE A 218 12.77 -0.30 11.60
C PHE A 218 12.46 -1.12 12.84
N ILE A 219 11.61 -2.12 12.68
CA ILE A 219 11.29 -3.05 13.76
C ILE A 219 11.48 -4.48 13.27
N PHE A 220 12.07 -5.32 14.13
CA PHE A 220 12.20 -6.76 13.93
C PHE A 220 11.72 -7.46 15.19
N HIS A 221 10.85 -8.45 15.03
CA HIS A 221 10.35 -9.24 16.16
C HIS A 221 11.49 -10.06 16.80
N LYS B 54 8.73 -6.44 -15.15
CA LYS B 54 7.91 -5.26 -15.43
C LYS B 54 8.15 -4.20 -14.38
N LYS B 55 8.83 -3.13 -14.79
CA LYS B 55 9.16 -1.99 -13.93
C LYS B 55 8.52 -0.75 -14.51
N TYR B 56 7.96 0.09 -13.62
CA TYR B 56 7.31 1.33 -14.03
C TYR B 56 7.72 2.44 -13.07
N SER B 57 8.27 3.53 -13.61
CA SER B 57 8.58 4.72 -12.83
C SER B 57 7.30 5.38 -12.30
N ARG B 58 7.46 6.24 -11.30
CA ARG B 58 6.33 6.96 -10.74
C ARG B 58 5.64 7.82 -11.82
N ASP B 59 6.44 8.55 -12.60
CA ASP B 59 5.84 9.45 -13.59
C ASP B 59 5.12 8.67 -14.67
N PHE B 60 5.66 7.49 -15.04
CA PHE B 60 4.96 6.66 -16.03
C PHE B 60 3.63 6.15 -15.47
N LEU B 61 3.64 5.67 -14.23
CA LEU B 61 2.38 5.20 -13.63
C LEU B 61 1.37 6.34 -13.55
N LEU B 62 1.83 7.55 -13.20
CA LEU B 62 0.94 8.68 -13.03
C LEU B 62 0.31 9.15 -14.34
N LYS B 63 0.90 8.82 -15.47
CA LYS B 63 0.33 9.23 -16.76
C LYS B 63 -1.04 8.60 -16.98
N PHE B 64 -1.30 7.46 -16.34
CA PHE B 64 -2.59 6.79 -16.48
C PHE B 64 -3.63 7.21 -15.46
N ALA B 65 -3.27 8.02 -14.45
CA ALA B 65 -4.13 8.12 -13.25
C ALA B 65 -5.50 8.67 -13.58
N GLU B 66 -5.56 9.74 -14.37
CA GLU B 66 -6.82 10.40 -14.66
C GLU B 66 -7.60 9.72 -15.78
N GLN B 67 -7.05 8.69 -16.40
CA GLN B 67 -7.75 8.01 -17.47
C GLN B 67 -8.62 6.85 -16.97
N PHE B 68 -8.47 6.45 -15.71
CA PHE B 68 -9.22 5.31 -15.17
C PHE B 68 -9.90 5.73 -13.88
N LEU B 69 -11.12 6.25 -14.02
CA LEU B 69 -11.91 6.71 -12.90
C LEU B 69 -13.01 5.74 -12.50
N ASP B 70 -13.27 4.72 -13.31
CA ASP B 70 -14.41 3.83 -13.11
C ASP B 70 -14.01 2.60 -12.30
N LEU B 71 -14.77 2.30 -11.26
CA LEU B 71 -14.56 1.07 -10.51
C LEU B 71 -14.69 -0.13 -11.44
N PRO B 72 -13.83 -1.14 -11.31
CA PRO B 72 -14.02 -2.37 -12.09
C PRO B 72 -15.38 -2.95 -11.81
N HIS B 73 -16.00 -3.53 -12.85
CA HIS B 73 -17.32 -4.10 -12.68
C HIS B 73 -17.31 -5.35 -11.80
N ASN B 74 -16.18 -6.02 -11.64
CA ASN B 74 -16.14 -7.17 -10.73
C ASN B 74 -15.72 -6.77 -9.32
N PHE B 75 -15.73 -5.49 -9.01
CA PHE B 75 -15.43 -5.01 -7.66
C PHE B 75 -16.74 -5.01 -6.87
N GLU B 76 -16.80 -5.83 -5.82
CA GLU B 76 -18.00 -5.93 -5.01
C GLU B 76 -17.91 -4.97 -3.82
N VAL B 77 -18.85 -4.03 -3.73
CA VAL B 77 -18.92 -3.12 -2.58
C VAL B 77 -19.93 -3.71 -1.60
N THR B 78 -19.43 -4.37 -0.57
CA THR B 78 -20.30 -4.91 0.47
C THR B 78 -20.53 -3.84 1.53
N SER B 79 -21.56 -4.07 2.33
CA SER B 79 -21.95 -3.07 3.32
C SER B 79 -20.81 -2.77 4.28
N ASP B 80 -20.10 -3.80 4.71
CA ASP B 80 -19.02 -3.64 5.68
C ASP B 80 -17.83 -2.87 5.12
N ILE B 81 -17.75 -2.64 3.82
CA ILE B 81 -16.65 -1.85 3.27
C ILE B 81 -17.14 -0.58 2.60
N GLU B 82 -18.42 -0.22 2.78
CA GLU B 82 -18.91 1.03 2.23
C GLU B 82 -18.11 2.22 2.75
N SER B 83 -17.63 2.14 3.99
CA SER B 83 -16.84 3.21 4.60
C SER B 83 -15.47 3.38 3.95
N LEU B 84 -15.03 2.41 3.14
CA LEU B 84 -13.77 2.53 2.40
C LEU B 84 -13.91 3.32 1.11
N MET B 85 -15.12 3.33 0.51
CA MET B 85 -15.31 3.85 -0.83
C MET B 85 -15.25 5.38 -0.86
N SER B 86 -14.74 5.92 -1.97
CA SER B 86 -14.67 7.36 -2.13
C SER B 86 -16.05 7.97 -2.02
N THR B 87 -16.07 9.23 -1.55
CA THR B 87 -17.30 10.03 -1.50
C THR B 87 -18.00 10.06 -2.86
N HIS B 88 -17.23 10.18 -3.94
CA HIS B 88 -17.75 10.10 -5.31
C HIS B 88 -17.07 8.93 -6.00
N THR B 89 -17.87 8.00 -6.52
CA THR B 89 -17.36 6.89 -7.31
C THR B 89 -17.84 7.01 -8.76
N ASN B 90 -17.12 6.32 -9.64
CA ASN B 90 -17.54 6.23 -11.03
C ASN B 90 -17.61 4.77 -11.49
S SO4 C . -11.63 10.66 -1.17
O1 SO4 C . -11.36 9.96 -2.44
O2 SO4 C . -11.81 12.09 -1.42
O3 SO4 C . -12.86 10.19 -0.55
O4 SO4 C . -10.52 10.40 -0.25
S SO4 D . 1.65 -12.86 -8.81
O1 SO4 D . 1.02 -12.32 -10.02
O2 SO4 D . 3.09 -13.08 -9.05
O3 SO4 D . 1.00 -14.14 -8.50
O4 SO4 D . 1.48 -11.93 -7.70
#